data_8JH8
#
_entry.id   8JH8
#
_cell.length_a   99.516
_cell.length_b   37.738
_cell.length_c   77.709
_cell.angle_alpha   90.000
_cell.angle_beta   125.928
_cell.angle_gamma   90.000
#
_symmetry.space_group_name_H-M   'C 1 2 1'
#
loop_
_entity.id
_entity.type
_entity.pdbx_description
1 polymer 'Feruloyl esterase'
2 branched 2-acetamido-2-deoxy-beta-D-glucopyranose-(1-4)-2-acetamido-2-deoxy-beta-D-glucopyranose
3 non-polymer DI(HYDROXYETHYL)ETHER
4 non-polymer 'MAGNESIUM ION'
5 water water
#
_entity_poly.entity_id   1
_entity_poly.type   'polypeptide(L)'
_entity_poly.pdbx_seq_one_letter_code
;HHHHHHQNTAGCGQNPPSSGVKSINVGGMNREYILQLPNNYDPNKGHMLIFGLHWLSGSMHDVHPNYYGLRQLAGNNAIF
ISPNGINNGWANDGGRDVNFIDAILQQVRSQLCINDSQIFATGFSFGGGMSYALGCARANVFRAIAPIAGAQISGCSGGT
SPIAFLGIHGTNDDVLPIAMGRQVRDRFLQNNGCQPKNAPEPGWGQGPIKTEYSCQPNYPVTWIAFSGGHDPNQSFVGRE
IWDFFSQF
;
_entity_poly.pdbx_strand_id   A
#
loop_
_chem_comp.id
_chem_comp.type
_chem_comp.name
_chem_comp.formula
MG non-polymer 'MAGNESIUM ION' 'Mg 2'
NAG D-saccharide, beta linking 2-acetamido-2-deoxy-beta-D-glucopyranose 'C8 H15 N O6'
PEG non-polymer DI(HYDROXYETHYL)ETHER 'C4 H10 O3'
#
# COMPACT_ATOMS: atom_id res chain seq x y z
N GLN A 7 9.58 17.10 0.83
CA GLN A 7 10.25 17.86 -0.22
C GLN A 7 10.02 17.21 -1.59
N ASN A 8 10.05 18.01 -2.64
CA ASN A 8 9.65 17.54 -3.97
C ASN A 8 10.85 17.04 -4.76
N THR A 9 10.58 16.15 -5.71
CA THR A 9 11.61 15.39 -6.41
C THR A 9 12.18 16.19 -7.58
N ALA A 10 13.27 15.67 -8.15
CA ALA A 10 13.94 16.34 -9.25
C ALA A 10 13.08 16.40 -10.51
N GLY A 11 12.17 15.44 -10.68
CA GLY A 11 11.34 15.42 -11.85
C GLY A 11 10.30 16.52 -11.91
N CYS A 12 10.18 17.32 -10.86
CA CYS A 12 9.27 18.46 -10.94
C CYS A 12 9.73 19.39 -12.05
N GLY A 13 8.77 19.94 -12.79
CA GLY A 13 9.06 20.82 -13.90
C GLY A 13 9.50 20.14 -15.18
N GLN A 14 9.55 18.80 -15.20
CA GLN A 14 9.97 18.06 -16.38
C GLN A 14 8.77 17.64 -17.23
N ASN A 15 8.98 17.62 -18.54
CA ASN A 15 7.98 17.11 -19.46
C ASN A 15 7.65 15.67 -19.10
N PRO A 16 6.38 15.33 -18.88
CA PRO A 16 6.05 14.02 -18.32
C PRO A 16 6.07 12.93 -19.38
N PRO A 17 6.31 11.68 -18.98
CA PRO A 17 6.09 10.57 -19.89
C PRO A 17 4.61 10.31 -20.09
N SER A 18 4.30 9.42 -21.02
CA SER A 18 2.94 8.96 -21.19
C SER A 18 2.57 7.99 -20.08
N SER A 19 1.29 7.94 -19.74
CA SER A 19 0.80 6.84 -18.92
C SER A 19 0.80 5.55 -19.73
N GLY A 20 0.88 4.42 -19.03
CA GLY A 20 0.83 3.13 -19.68
C GLY A 20 1.81 2.18 -19.06
N VAL A 21 2.04 1.05 -19.74
CA VAL A 21 2.92 0.00 -19.24
C VAL A 21 4.37 0.42 -19.43
N LYS A 22 5.16 0.31 -18.37
CA LYS A 22 6.57 0.68 -18.40
C LYS A 22 7.42 -0.55 -18.15
N SER A 23 8.61 -0.54 -18.76
CA SER A 23 9.59 -1.60 -18.60
CA SER A 23 9.60 -1.60 -18.61
C SER A 23 10.82 -1.03 -17.87
N ILE A 24 11.43 -1.85 -17.03
CA ILE A 24 12.53 -1.37 -16.21
C ILE A 24 13.47 -2.54 -15.90
N ASN A 25 14.78 -2.24 -15.89
CA ASN A 25 15.83 -3.23 -15.65
C ASN A 25 16.18 -3.22 -14.17
N VAL A 26 15.91 -4.33 -13.49
CA VAL A 26 16.22 -4.51 -12.07
C VAL A 26 17.32 -5.56 -11.98
N GLY A 27 18.57 -5.11 -11.85
CA GLY A 27 19.68 -6.04 -11.68
C GLY A 27 19.83 -7.08 -12.77
N GLY A 28 19.44 -6.75 -14.00
CA GLY A 28 19.48 -7.69 -15.09
C GLY A 28 18.14 -8.32 -15.42
N MET A 29 17.14 -8.10 -14.58
CA MET A 29 15.81 -8.67 -14.77
C MET A 29 14.90 -7.60 -15.34
N ASN A 30 14.28 -7.87 -16.49
CA ASN A 30 13.31 -6.95 -17.05
C ASN A 30 11.97 -7.11 -16.33
N ARG A 31 11.47 -6.02 -15.76
CA ARG A 31 10.25 -6.05 -14.99
C ARG A 31 9.32 -4.95 -15.50
N GLU A 32 8.06 -5.01 -15.11
CA GLU A 32 7.05 -4.12 -15.71
C GLU A 32 6.12 -3.55 -14.65
N TYR A 33 5.67 -2.32 -14.92
CA TYR A 33 4.68 -1.67 -14.07
C TYR A 33 3.83 -0.74 -14.92
N ILE A 34 2.62 -0.49 -14.45
CA ILE A 34 1.75 0.52 -15.07
C ILE A 34 1.95 1.83 -14.35
N LEU A 35 2.21 2.89 -15.11
CA LEU A 35 2.18 4.27 -14.61
C LEU A 35 0.86 4.91 -15.00
N GLN A 36 0.17 5.50 -14.03
CA GLN A 36 -1.09 6.18 -14.30
C GLN A 36 -1.05 7.58 -13.67
N LEU A 37 -0.83 8.58 -14.52
CA LEU A 37 -0.84 9.99 -14.15
C LEU A 37 -2.28 10.48 -13.97
N PRO A 38 -2.46 11.51 -13.14
CA PRO A 38 -3.80 12.08 -12.97
C PRO A 38 -4.30 12.71 -14.26
N ASN A 39 -5.63 12.90 -14.32
CA ASN A 39 -6.27 13.52 -15.48
C ASN A 39 -5.63 14.86 -15.80
N ASN A 40 -5.49 15.72 -14.81
CA ASN A 40 -4.73 16.94 -14.94
C ASN A 40 -3.43 16.72 -14.19
N TYR A 41 -2.33 16.64 -14.92
CA TYR A 41 -1.02 16.45 -14.33
C TYR A 41 -0.27 17.78 -14.36
N ASP A 42 -0.17 18.43 -13.20
CA ASP A 42 0.60 19.65 -13.06
C ASP A 42 2.03 19.26 -12.74
N PRO A 43 2.99 19.41 -13.66
CA PRO A 43 4.35 18.94 -13.39
C PRO A 43 5.07 19.74 -12.30
N ASN A 44 4.45 20.77 -11.75
CA ASN A 44 5.06 21.60 -10.72
C ASN A 44 4.48 21.36 -9.34
N LYS A 45 3.47 20.49 -9.24
CA LYS A 45 2.85 20.16 -7.97
C LYS A 45 3.39 18.82 -7.51
N GLY A 46 3.78 18.74 -6.23
CA GLY A 46 4.24 17.49 -5.68
C GLY A 46 3.09 16.54 -5.42
N HIS A 47 3.07 15.40 -6.10
CA HIS A 47 1.96 14.46 -6.01
C HIS A 47 2.23 13.40 -4.96
N MET A 48 1.14 12.84 -4.45
CA MET A 48 1.24 11.56 -3.77
C MET A 48 1.63 10.50 -4.78
N LEU A 49 2.38 9.50 -4.33
CA LEU A 49 2.73 8.33 -5.14
C LEU A 49 2.17 7.11 -4.41
N ILE A 50 1.23 6.42 -5.05
CA ILE A 50 0.54 5.31 -4.42
C ILE A 50 0.79 4.04 -5.25
N PHE A 51 1.46 3.07 -4.64
CA PHE A 51 1.62 1.75 -5.23
C PHE A 51 0.46 0.85 -4.85
N GLY A 52 -0.14 0.20 -5.86
CA GLY A 52 -1.16 -0.80 -5.62
C GLY A 52 -0.66 -2.15 -6.09
N LEU A 53 -0.73 -3.15 -5.21
CA LEU A 53 -0.02 -4.41 -5.40
C LEU A 53 -1.02 -5.55 -5.49
N HIS A 54 -0.93 -6.34 -6.57
CA HIS A 54 -1.94 -7.35 -6.83
C HIS A 54 -1.71 -8.60 -5.98
N TRP A 55 -2.65 -9.53 -6.10
CA TRP A 55 -2.67 -10.76 -5.33
C TRP A 55 -2.16 -11.91 -6.18
N LEU A 56 -2.06 -13.09 -5.55
CA LEU A 56 -1.56 -14.27 -6.25
C LEU A 56 -2.48 -14.65 -7.40
N SER A 57 -1.87 -15.02 -8.53
CA SER A 57 -2.55 -15.41 -9.77
C SER A 57 -3.08 -14.20 -10.54
N GLY A 58 -3.21 -13.06 -9.89
CA GLY A 58 -3.56 -11.82 -10.58
C GLY A 58 -2.34 -11.16 -11.20
N SER A 59 -2.55 -9.93 -11.66
CA SER A 59 -1.48 -9.21 -12.35
C SER A 59 -1.66 -7.71 -12.13
N MET A 60 -0.70 -6.93 -12.65
CA MET A 60 -0.82 -5.48 -12.55
C MET A 60 -2.08 -4.99 -13.25
N HIS A 61 -2.57 -5.73 -14.23
CA HIS A 61 -3.78 -5.36 -14.98
C HIS A 61 -5.05 -5.53 -14.17
N ASP A 62 -4.99 -6.17 -13.01
CA ASP A 62 -6.17 -6.32 -12.17
C ASP A 62 -6.29 -5.20 -11.15
N VAL A 63 -5.17 -4.62 -10.73
CA VAL A 63 -5.20 -3.49 -9.80
C VAL A 63 -5.52 -2.20 -10.54
N HIS A 64 -4.87 -1.99 -11.69
CA HIS A 64 -5.31 -0.98 -12.63
C HIS A 64 -6.68 -1.37 -13.18
N PRO A 65 -7.57 -0.40 -13.46
CA PRO A 65 -7.49 1.06 -13.33
C PRO A 65 -8.05 1.66 -12.03
N ASN A 66 -8.60 0.84 -11.13
CA ASN A 66 -9.34 1.35 -9.98
C ASN A 66 -8.51 1.48 -8.71
N TYR A 67 -7.42 0.73 -8.59
CA TYR A 67 -6.48 0.85 -7.46
C TYR A 67 -7.21 0.77 -6.13
N TYR A 68 -7.99 -0.31 -5.97
CA TYR A 68 -8.66 -0.64 -4.72
C TYR A 68 -9.64 0.44 -4.28
N GLY A 69 -10.23 1.15 -5.24
CA GLY A 69 -11.17 2.21 -4.95
C GLY A 69 -10.55 3.58 -4.77
N LEU A 70 -9.22 3.69 -4.84
CA LEU A 70 -8.56 4.97 -4.64
C LEU A 70 -8.65 5.87 -5.87
N ARG A 71 -8.63 5.29 -7.07
CA ARG A 71 -8.63 6.08 -8.29
C ARG A 71 -9.83 7.01 -8.35
N GLN A 72 -11.00 6.51 -7.95
CA GLN A 72 -12.21 7.30 -8.01
C GLN A 72 -12.21 8.45 -7.01
N LEU A 73 -11.37 8.40 -5.98
CA LEU A 73 -11.43 9.38 -4.91
C LEU A 73 -10.24 10.32 -4.87
N ALA A 74 -9.15 9.99 -5.57
CA ALA A 74 -7.89 10.71 -5.44
C ALA A 74 -7.83 12.01 -6.24
N GLY A 75 -8.80 12.29 -7.10
CA GLY A 75 -8.73 13.50 -7.90
C GLY A 75 -7.46 13.56 -8.72
N ASN A 76 -6.78 14.71 -8.66
CA ASN A 76 -5.48 14.91 -9.28
C ASN A 76 -4.35 14.91 -8.25
N ASN A 77 -4.60 14.39 -7.05
CA ASN A 77 -3.61 14.44 -6.00
C ASN A 77 -2.52 13.40 -6.14
N ALA A 78 -2.77 12.30 -6.86
CA ALA A 78 -1.90 11.13 -6.79
C ALA A 78 -1.49 10.63 -8.16
N ILE A 79 -0.27 10.10 -8.20
CA ILE A 79 0.23 9.27 -9.29
C ILE A 79 0.12 7.82 -8.83
N PHE A 80 -0.43 6.95 -9.68
CA PHE A 80 -0.60 5.55 -9.32
C PHE A 80 0.40 4.67 -10.06
N ILE A 81 0.94 3.68 -9.35
CA ILE A 81 1.80 2.63 -9.90
C ILE A 81 1.17 1.27 -9.63
N SER A 82 1.07 0.43 -10.65
CA SER A 82 0.67 -0.96 -10.47
C SER A 82 1.78 -1.87 -10.94
N PRO A 83 2.64 -2.33 -10.04
CA PRO A 83 3.77 -3.17 -10.47
C PRO A 83 3.34 -4.63 -10.66
N ASN A 84 4.06 -5.31 -11.53
CA ASN A 84 3.75 -6.70 -11.86
C ASN A 84 4.68 -7.66 -11.14
N GLY A 85 4.11 -8.66 -10.46
CA GLY A 85 4.89 -9.62 -9.72
C GLY A 85 5.34 -10.79 -10.57
N ILE A 86 6.56 -11.27 -10.29
CA ILE A 86 7.06 -12.48 -10.92
C ILE A 86 6.24 -13.66 -10.42
N ASN A 87 5.88 -14.56 -11.35
CA ASN A 87 5.04 -15.72 -11.04
C ASN A 87 3.68 -15.32 -10.49
N ASN A 88 3.21 -14.11 -10.81
CA ASN A 88 1.94 -13.58 -10.34
C ASN A 88 1.87 -13.47 -8.82
N GLY A 89 3.01 -13.20 -8.19
CA GLY A 89 3.02 -13.09 -6.74
C GLY A 89 4.09 -12.14 -6.25
N TRP A 90 4.29 -12.10 -4.93
CA TRP A 90 5.27 -11.20 -4.32
C TRP A 90 6.15 -11.96 -3.35
N ALA A 91 6.76 -13.06 -3.82
CA ALA A 91 7.57 -13.89 -2.94
C ALA A 91 8.74 -13.11 -2.36
N ASN A 92 9.29 -12.16 -3.12
CA ASN A 92 10.30 -11.23 -2.61
C ASN A 92 11.56 -11.96 -2.13
N ASP A 93 11.97 -12.97 -2.88
CA ASP A 93 13.14 -13.77 -2.51
C ASP A 93 14.38 -12.89 -2.37
N GLY A 94 14.99 -12.90 -1.18
CA GLY A 94 16.19 -12.12 -0.94
C GLY A 94 16.00 -10.63 -1.12
N GLY A 95 14.76 -10.16 -1.06
CA GLY A 95 14.44 -8.76 -1.26
C GLY A 95 14.30 -8.31 -2.69
N ARG A 96 14.18 -9.23 -3.65
CA ARG A 96 14.20 -8.86 -5.06
C ARG A 96 13.00 -7.99 -5.44
N ASP A 97 11.87 -8.16 -4.74
CA ASP A 97 10.70 -7.32 -5.02
C ASP A 97 10.81 -5.96 -4.33
N VAL A 98 11.45 -5.90 -3.17
CA VAL A 98 11.78 -4.59 -2.61
C VAL A 98 12.73 -3.84 -3.55
N ASN A 99 13.73 -4.55 -4.11
CA ASN A 99 14.65 -3.93 -5.07
C ASN A 99 13.92 -3.45 -6.32
N PHE A 100 12.91 -4.21 -6.77
CA PHE A 100 12.08 -3.78 -7.89
C PHE A 100 11.40 -2.45 -7.58
N ILE A 101 10.84 -2.31 -6.38
CA ILE A 101 10.21 -1.05 -6.00
C ILE A 101 11.26 0.06 -5.91
N ASP A 102 12.48 -0.27 -5.45
CA ASP A 102 13.54 0.72 -5.44
C ASP A 102 13.81 1.25 -6.83
N ALA A 103 13.71 0.37 -7.83
CA ALA A 103 14.02 0.76 -9.21
C ALA A 103 12.95 1.69 -9.75
N ILE A 104 11.69 1.35 -9.53
CA ILE A 104 10.59 2.23 -9.93
C ILE A 104 10.75 3.59 -9.28
N LEU A 105 10.97 3.62 -7.96
CA LEU A 105 11.11 4.89 -7.24
C LEU A 105 12.19 5.75 -7.87
N GLN A 106 13.39 5.19 -8.08
CA GLN A 106 14.46 5.96 -8.69
C GLN A 106 14.03 6.53 -10.03
N GLN A 107 13.28 5.76 -10.81
CA GLN A 107 12.90 6.21 -12.13
C GLN A 107 11.83 7.30 -12.08
N VAL A 108 10.72 7.05 -11.36
CA VAL A 108 9.63 8.02 -11.41
C VAL A 108 9.97 9.29 -10.65
N ARG A 109 10.82 9.21 -9.61
CA ARG A 109 11.21 10.43 -8.91
C ARG A 109 11.99 11.36 -9.82
N SER A 110 12.74 10.81 -10.78
CA SER A 110 13.51 11.63 -11.70
C SER A 110 12.66 12.17 -12.86
N GLN A 111 11.51 11.55 -13.13
CA GLN A 111 10.63 11.94 -14.23
C GLN A 111 9.46 12.82 -13.81
N LEU A 112 8.93 12.61 -12.61
CA LEU A 112 7.66 13.20 -12.20
C LEU A 112 7.82 14.02 -10.94
N CYS A 113 6.84 14.88 -10.69
CA CYS A 113 6.84 15.75 -9.51
C CYS A 113 6.14 15.01 -8.39
N ILE A 114 6.93 14.47 -7.46
CA ILE A 114 6.42 13.69 -6.34
C ILE A 114 6.84 14.38 -5.06
N ASN A 115 5.94 14.38 -4.07
CA ASN A 115 6.26 14.80 -2.71
C ASN A 115 6.81 13.59 -1.97
N ASP A 116 8.11 13.65 -1.60
CA ASP A 116 8.78 12.48 -1.03
C ASP A 116 8.19 12.09 0.32
N SER A 117 7.43 12.98 0.96
CA SER A 117 6.77 12.67 2.21
C SER A 117 5.38 12.06 2.01
N GLN A 118 4.98 11.78 0.76
CA GLN A 118 3.64 11.28 0.48
CA GLN A 118 3.64 11.29 0.45
C GLN A 118 3.69 10.07 -0.46
N ILE A 119 4.50 9.07 -0.08
CA ILE A 119 4.63 7.84 -0.84
C ILE A 119 4.01 6.69 -0.06
N PHE A 120 3.18 5.87 -0.70
CA PHE A 120 2.29 4.95 -0.02
C PHE A 120 2.21 3.62 -0.77
N ALA A 121 1.79 2.58 -0.06
CA ALA A 121 1.64 1.27 -0.66
C ALA A 121 0.44 0.56 -0.06
N THR A 122 -0.37 -0.04 -0.92
CA THR A 122 -1.52 -0.84 -0.48
C THR A 122 -1.64 -2.05 -1.39
N GLY A 123 -2.26 -3.11 -0.88
CA GLY A 123 -2.50 -4.28 -1.69
C GLY A 123 -3.31 -5.31 -0.92
N PHE A 124 -3.84 -6.26 -1.67
CA PHE A 124 -4.71 -7.31 -1.13
C PHE A 124 -3.99 -8.65 -1.12
N SER A 125 -4.12 -9.38 -0.01
CA SER A 125 -3.54 -10.71 0.15
C SER A 125 -2.03 -10.71 -0.08
N PHE A 126 -1.54 -11.36 -1.14
CA PHE A 126 -0.10 -11.30 -1.43
C PHE A 126 0.37 -9.86 -1.57
N GLY A 127 -0.48 -8.99 -2.13
CA GLY A 127 -0.12 -7.58 -2.21
C GLY A 127 -0.14 -6.88 -0.87
N GLY A 128 -0.95 -7.39 0.07
CA GLY A 128 -0.86 -6.92 1.45
C GLY A 128 0.41 -7.39 2.13
N GLY A 129 0.82 -8.63 1.87
CA GLY A 129 2.12 -9.09 2.37
C GLY A 129 3.27 -8.26 1.82
N MET A 130 3.20 -7.92 0.53
CA MET A 130 4.24 -7.08 -0.05
C MET A 130 4.22 -5.66 0.52
N SER A 131 3.03 -5.09 0.73
CA SER A 131 2.98 -3.79 1.40
C SER A 131 3.64 -3.86 2.77
N TYR A 132 3.35 -4.92 3.53
CA TYR A 132 4.01 -5.16 4.81
C TYR A 132 5.53 -5.25 4.64
N ALA A 133 5.99 -5.96 3.62
CA ALA A 133 7.43 -6.08 3.42
C ALA A 133 8.08 -4.73 3.13
N LEU A 134 7.33 -3.82 2.48
CA LEU A 134 7.86 -2.48 2.23
C LEU A 134 7.85 -1.64 3.50
N GLY A 135 6.83 -1.80 4.34
CA GLY A 135 6.84 -1.14 5.62
C GLY A 135 7.95 -1.63 6.53
N CYS A 136 8.33 -2.89 6.39
CA CYS A 136 9.43 -3.42 7.18
C CYS A 136 10.77 -2.87 6.71
N ALA A 137 11.01 -2.88 5.40
CA ALA A 137 12.34 -2.60 4.87
C ALA A 137 12.52 -1.18 4.37
N ARG A 138 11.45 -0.45 4.14
CA ARG A 138 11.51 0.85 3.48
C ARG A 138 10.67 1.86 4.23
N ALA A 139 10.76 1.82 5.57
CA ALA A 139 10.09 2.82 6.39
C ALA A 139 10.66 4.21 6.17
N ASN A 140 11.85 4.30 5.57
CA ASN A 140 12.39 5.60 5.20
C ASN A 140 11.65 6.18 4.01
N VAL A 141 11.19 5.34 3.09
CA VAL A 141 10.54 5.81 1.87
C VAL A 141 9.06 6.02 2.08
N PHE A 142 8.38 5.05 2.69
CA PHE A 142 6.93 5.06 2.70
C PHE A 142 6.37 5.79 3.91
N ARG A 143 5.39 6.66 3.66
CA ARG A 143 4.70 7.39 4.73
C ARG A 143 3.67 6.52 5.42
N ALA A 144 3.02 5.63 4.69
CA ALA A 144 2.04 4.72 5.28
C ALA A 144 1.89 3.52 4.37
N ILE A 145 1.48 2.40 4.96
CA ILE A 145 1.06 1.23 4.21
C ILE A 145 -0.35 0.83 4.65
N ALA A 146 -1.05 0.13 3.77
CA ALA A 146 -2.41 -0.33 4.05
C ALA A 146 -2.66 -1.71 3.47
N PRO A 147 -2.24 -2.78 4.18
CA PRO A 147 -2.56 -4.12 3.71
CA PRO A 147 -2.56 -4.13 3.73
C PRO A 147 -4.04 -4.44 3.87
N ILE A 148 -4.60 -5.05 2.82
CA ILE A 148 -5.97 -5.56 2.84
C ILE A 148 -5.86 -7.08 2.87
N ALA A 149 -6.37 -7.69 3.94
CA ALA A 149 -6.19 -9.13 4.17
C ALA A 149 -4.71 -9.51 4.04
N GLY A 150 -3.86 -8.81 4.81
CA GLY A 150 -2.44 -9.04 4.74
C GLY A 150 -1.96 -10.14 5.70
N ALA A 151 -0.73 -10.56 5.48
CA ALA A 151 -0.04 -11.56 6.29
C ALA A 151 1.46 -11.44 6.02
N GLN A 152 2.26 -12.07 6.87
CA GLN A 152 3.71 -12.09 6.64
C GLN A 152 4.01 -13.23 5.67
N ILE A 153 3.83 -12.93 4.38
CA ILE A 153 4.05 -13.88 3.30
C ILE A 153 5.01 -13.35 2.24
N SER A 154 5.51 -12.12 2.40
CA SER A 154 6.54 -11.59 1.53
C SER A 154 7.81 -11.26 2.29
N GLY A 155 7.92 -11.72 3.54
CA GLY A 155 9.06 -11.42 4.38
C GLY A 155 8.89 -10.12 5.15
N CYS A 156 9.85 -9.88 6.05
CA CYS A 156 9.90 -8.65 6.83
C CYS A 156 11.36 -8.46 7.26
N SER A 157 12.09 -7.68 6.47
CA SER A 157 13.49 -7.39 6.75
C SER A 157 13.58 -6.08 7.51
N GLY A 158 14.15 -6.12 8.71
CA GLY A 158 14.24 -4.94 9.55
C GLY A 158 13.07 -4.86 10.50
N GLY A 159 12.02 -4.15 10.09
CA GLY A 159 10.74 -4.22 10.77
C GLY A 159 10.69 -3.61 12.15
N THR A 160 11.65 -2.77 12.52
CA THR A 160 11.61 -2.10 13.82
C THR A 160 11.29 -0.62 13.73
N SER A 161 11.38 -0.02 12.54
CA SER A 161 11.10 1.39 12.42
C SER A 161 9.59 1.67 12.43
N PRO A 162 9.18 2.81 12.97
CA PRO A 162 7.77 3.19 12.91
C PRO A 162 7.36 3.61 11.51
N ILE A 163 6.11 3.34 11.18
CA ILE A 163 5.48 3.81 9.95
C ILE A 163 3.99 3.72 10.16
N ALA A 164 3.27 4.76 9.70
CA ALA A 164 1.82 4.79 9.84
C ALA A 164 1.18 3.59 9.14
N PHE A 165 0.17 3.00 9.78
CA PHE A 165 -0.34 1.70 9.37
C PHE A 165 -1.86 1.66 9.42
N LEU A 166 -2.48 1.22 8.33
CA LEU A 166 -3.91 0.91 8.29
C LEU A 166 -4.06 -0.54 7.86
N GLY A 167 -4.70 -1.34 8.69
CA GLY A 167 -4.96 -2.74 8.39
C GLY A 167 -6.45 -2.98 8.25
N ILE A 168 -6.81 -3.70 7.19
CA ILE A 168 -8.20 -4.05 6.88
C ILE A 168 -8.26 -5.56 6.73
N HIS A 169 -9.22 -6.20 7.38
CA HIS A 169 -9.28 -7.66 7.33
C HIS A 169 -10.70 -8.15 7.60
N GLY A 170 -11.06 -9.24 6.93
CA GLY A 170 -12.38 -9.85 7.12
C GLY A 170 -12.34 -10.95 8.17
N THR A 171 -13.37 -10.97 9.01
CA THR A 171 -13.45 -11.95 10.09
C THR A 171 -13.73 -13.35 9.56
N ASN A 172 -14.28 -13.47 8.35
CA ASN A 172 -14.64 -14.75 7.75
C ASN A 172 -13.72 -15.12 6.60
N ASP A 173 -12.48 -14.65 6.64
CA ASP A 173 -11.49 -14.96 5.61
C ASP A 173 -10.90 -16.33 5.91
N ASP A 174 -11.18 -17.30 5.03
CA ASP A 174 -10.65 -18.65 5.22
CA ASP A 174 -10.69 -18.67 5.18
C ASP A 174 -9.39 -18.91 4.41
N VAL A 175 -8.86 -17.91 3.71
CA VAL A 175 -7.61 -18.05 2.99
C VAL A 175 -6.44 -17.53 3.82
N LEU A 176 -6.56 -16.32 4.33
CA LEU A 176 -5.61 -15.73 5.27
C LEU A 176 -6.40 -15.31 6.51
N PRO A 177 -6.46 -16.17 7.52
CA PRO A 177 -7.28 -15.86 8.71
C PRO A 177 -6.87 -14.54 9.33
N ILE A 178 -7.84 -13.87 9.94
CA ILE A 178 -7.63 -12.52 10.44
C ILE A 178 -6.53 -12.45 11.50
N ALA A 179 -6.26 -13.57 12.20
CA ALA A 179 -5.13 -13.58 13.12
C ALA A 179 -3.82 -13.22 12.42
N MET A 180 -3.66 -13.61 11.16
CA MET A 180 -2.45 -13.27 10.42
C MET A 180 -2.36 -11.77 10.19
N GLY A 181 -3.49 -11.12 9.92
CA GLY A 181 -3.48 -9.68 9.77
C GLY A 181 -3.24 -8.97 11.08
N ARG A 182 -3.75 -9.51 12.19
CA ARG A 182 -3.47 -8.90 13.49
C ARG A 182 -1.99 -8.95 13.82
N GLN A 183 -1.29 -10.02 13.42
CA GLN A 183 0.13 -10.12 13.70
C GLN A 183 0.91 -9.02 12.98
N VAL A 184 0.51 -8.76 11.72
CA VAL A 184 1.06 -7.62 10.99
C VAL A 184 0.80 -6.32 11.77
N ARG A 185 -0.47 -6.06 12.08
CA ARG A 185 -0.84 -4.87 12.83
C ARG A 185 -0.04 -4.74 14.12
N ASP A 186 0.08 -5.84 14.88
CA ASP A 186 0.69 -5.76 16.19
C ASP A 186 2.14 -5.32 16.12
N ARG A 187 2.82 -5.56 15.00
CA ARG A 187 4.20 -5.10 14.88
C ARG A 187 4.29 -3.59 14.93
N PHE A 188 3.35 -2.91 14.26
CA PHE A 188 3.42 -1.46 14.22
C PHE A 188 2.76 -0.81 15.42
N LEU A 189 1.84 -1.50 16.09
CA LEU A 189 1.44 -1.07 17.42
C LEU A 189 2.64 -0.93 18.34
N GLN A 190 3.60 -1.85 18.21
CA GLN A 190 4.83 -1.80 18.99
C GLN A 190 5.78 -0.74 18.46
N ASN A 191 6.06 -0.76 17.15
CA ASN A 191 7.02 0.17 16.58
C ASN A 191 6.59 1.61 16.75
N ASN A 192 5.29 1.89 16.65
CA ASN A 192 4.77 3.24 16.66
C ASN A 192 4.41 3.72 18.07
N GLY A 193 4.74 2.95 19.10
CA GLY A 193 4.49 3.37 20.46
C GLY A 193 3.04 3.55 20.81
N CYS A 194 2.19 2.63 20.40
CA CYS A 194 0.75 2.74 20.60
C CYS A 194 0.37 2.19 21.96
N GLN A 195 -0.51 2.89 22.64
CA GLN A 195 -1.03 2.42 23.91
C GLN A 195 -1.95 1.23 23.66
N PRO A 196 -1.71 0.10 24.33
CA PRO A 196 -2.59 -1.06 24.15
C PRO A 196 -4.05 -0.68 24.36
N LYS A 197 -4.93 -1.30 23.56
CA LYS A 197 -6.33 -0.93 23.46
C LYS A 197 -7.07 -2.04 22.75
N ASN A 198 -8.28 -2.36 23.23
CA ASN A 198 -9.08 -3.40 22.60
C ASN A 198 -9.62 -2.91 21.26
N ALA A 199 -9.49 -3.74 20.22
CA ALA A 199 -10.02 -3.44 18.90
C ALA A 199 -11.12 -4.44 18.57
N PRO A 200 -12.38 -4.11 18.84
CA PRO A 200 -13.45 -5.08 18.63
C PRO A 200 -13.66 -5.35 17.15
N GLU A 201 -14.29 -6.49 16.88
CA GLU A 201 -14.48 -6.91 15.51
C GLU A 201 -15.93 -7.32 15.28
N PRO A 202 -16.46 -7.06 14.10
CA PRO A 202 -17.91 -7.11 13.91
C PRO A 202 -18.45 -8.53 13.87
N GLY A 203 -19.70 -8.65 14.30
CA GLY A 203 -20.42 -9.88 14.15
C GLY A 203 -20.92 -10.07 12.73
N TRP A 204 -21.50 -11.24 12.49
CA TRP A 204 -22.05 -11.54 11.18
C TRP A 204 -23.13 -10.54 10.82
N GLY A 205 -23.10 -10.06 9.57
CA GLY A 205 -24.11 -9.11 9.15
C GLY A 205 -23.98 -7.72 9.74
N GLN A 206 -22.90 -7.44 10.46
CA GLN A 206 -22.69 -6.13 11.07
C GLN A 206 -21.64 -5.36 10.27
N GLY A 207 -21.75 -4.03 10.33
CA GLY A 207 -20.84 -3.15 9.63
C GLY A 207 -19.44 -3.17 10.20
N PRO A 208 -18.48 -2.69 9.42
CA PRO A 208 -17.08 -2.74 9.86
C PRO A 208 -16.85 -1.93 11.12
N ILE A 209 -15.84 -2.35 11.89
CA ILE A 209 -15.46 -1.68 13.13
C ILE A 209 -14.06 -1.11 12.95
N LYS A 210 -13.94 0.21 13.01
CA LYS A 210 -12.67 0.91 12.89
C LYS A 210 -12.16 1.28 14.27
N THR A 211 -10.98 0.78 14.63
CA THR A 211 -10.31 1.14 15.86
C THR A 211 -9.11 2.02 15.54
N GLU A 212 -9.09 3.22 16.12
CA GLU A 212 -7.98 4.16 15.96
C GLU A 212 -7.19 4.16 17.27
N TYR A 213 -5.97 3.65 17.22
CA TYR A 213 -5.13 3.56 18.40
C TYR A 213 -4.53 4.93 18.74
N SER A 214 -4.16 5.09 20.00
CA SER A 214 -3.45 6.28 20.45
C SER A 214 -1.95 6.02 20.36
N CYS A 215 -1.31 6.62 19.37
CA CYS A 215 0.12 6.40 19.18
CA CYS A 215 0.10 6.41 19.06
C CYS A 215 0.85 7.73 19.14
N GLN A 216 2.13 7.69 18.81
CA GLN A 216 2.84 8.94 18.56
C GLN A 216 2.17 9.61 17.36
N PRO A 217 1.80 10.88 17.46
CA PRO A 217 0.88 11.46 16.48
C PRO A 217 1.37 11.42 15.04
N ASN A 218 2.67 11.20 14.80
CA ASN A 218 3.18 11.08 13.44
C ASN A 218 3.00 9.70 12.84
N TYR A 219 2.74 8.68 13.66
CA TYR A 219 2.71 7.29 13.22
C TYR A 219 1.42 6.60 13.66
N PRO A 220 0.27 7.06 13.16
CA PRO A 220 -1.00 6.47 13.61
C PRO A 220 -1.16 5.04 13.12
N VAL A 221 -1.91 4.26 13.90
CA VAL A 221 -2.31 2.91 13.53
C VAL A 221 -3.84 2.84 13.60
N THR A 222 -4.44 2.31 12.55
CA THR A 222 -5.87 2.11 12.49
C THR A 222 -6.15 0.68 12.02
N TRP A 223 -7.16 0.05 12.61
CA TRP A 223 -7.53 -1.33 12.28
C TRP A 223 -9.01 -1.34 11.94
N ILE A 224 -9.36 -1.88 10.78
CA ILE A 224 -10.75 -1.99 10.36
C ILE A 224 -11.02 -3.46 10.08
N ALA A 225 -11.85 -4.08 10.92
CA ALA A 225 -12.30 -5.43 10.67
C ALA A 225 -13.71 -5.39 10.08
N PHE A 226 -13.93 -6.14 9.00
CA PHE A 226 -15.27 -6.28 8.44
C PHE A 226 -15.68 -7.75 8.53
N SER A 227 -16.97 -8.00 8.32
N SER A 227 -16.98 -8.00 8.33
CA SER A 227 -17.57 -9.29 8.62
CA SER A 227 -17.56 -9.30 8.62
C SER A 227 -17.48 -10.28 7.46
C SER A 227 -17.45 -10.30 7.47
N GLY A 228 -16.92 -9.89 6.33
CA GLY A 228 -16.83 -10.75 5.16
C GLY A 228 -15.57 -11.58 5.12
N GLY A 229 -15.21 -11.99 3.90
CA GLY A 229 -14.13 -12.93 3.69
C GLY A 229 -12.98 -12.38 2.88
N HIS A 230 -12.40 -13.23 2.03
CA HIS A 230 -11.14 -12.94 1.32
C HIS A 230 -11.47 -12.17 0.03
N ASP A 231 -11.82 -10.88 0.22
CA ASP A 231 -12.38 -10.05 -0.84
C ASP A 231 -12.10 -8.58 -0.55
N PRO A 232 -11.31 -7.91 -1.37
CA PRO A 232 -11.00 -6.49 -1.12
C PRO A 232 -12.07 -5.52 -1.60
N ASN A 233 -13.13 -6.02 -2.23
CA ASN A 233 -14.12 -5.18 -2.91
C ASN A 233 -15.28 -4.83 -1.98
N GLN A 234 -14.94 -4.18 -0.87
CA GLN A 234 -15.92 -3.65 0.06
C GLN A 234 -16.03 -2.14 -0.15
N SER A 235 -17.26 -1.62 -0.07
CA SER A 235 -17.49 -0.23 -0.40
C SER A 235 -16.62 0.71 0.43
N PHE A 236 -16.31 0.34 1.67
CA PHE A 236 -15.57 1.23 2.56
C PHE A 236 -14.08 1.26 2.28
N VAL A 237 -13.55 0.31 1.50
CA VAL A 237 -12.10 0.13 1.41
C VAL A 237 -11.44 1.35 0.78
N GLY A 238 -11.91 1.78 -0.39
CA GLY A 238 -11.29 2.91 -1.05
C GLY A 238 -11.39 4.18 -0.23
N ARG A 239 -12.57 4.41 0.35
CA ARG A 239 -12.80 5.57 1.20
CA ARG A 239 -12.81 5.56 1.21
C ARG A 239 -11.86 5.58 2.40
N GLU A 240 -11.76 4.45 3.11
CA GLU A 240 -10.95 4.42 4.32
C GLU A 240 -9.46 4.50 4.01
N ILE A 241 -9.01 3.81 2.96
CA ILE A 241 -7.59 3.93 2.62
C ILE A 241 -7.27 5.35 2.18
N TRP A 242 -8.18 5.97 1.41
CA TRP A 242 -7.92 7.33 0.95
C TRP A 242 -7.85 8.31 2.12
N ASP A 243 -8.82 8.21 3.04
CA ASP A 243 -8.81 9.10 4.20
C ASP A 243 -7.54 8.92 5.03
N PHE A 244 -7.07 7.68 5.15
CA PHE A 244 -5.85 7.43 5.92
C PHE A 244 -4.64 8.03 5.20
N PHE A 245 -4.47 7.74 3.91
CA PHE A 245 -3.32 8.25 3.18
C PHE A 245 -3.34 9.77 3.08
N SER A 246 -4.54 10.35 2.91
CA SER A 246 -4.62 11.79 2.65
C SER A 246 -4.55 12.63 3.91
N GLN A 247 -4.42 12.01 5.09
CA GLN A 247 -4.29 12.80 6.32
C GLN A 247 -2.93 13.48 6.44
N PHE A 248 -1.96 13.12 5.61
CA PHE A 248 -0.60 13.64 5.73
C PHE A 248 -0.32 14.79 4.78
C1 NAG B . 4.69 17.69 0.96
C2 NAG B . 4.18 19.13 0.88
C3 NAG B . 4.29 19.83 2.25
C4 NAG B . 3.64 18.98 3.34
C5 NAG B . 4.20 17.56 3.29
C6 NAG B . 3.55 16.62 4.28
C7 NAG B . 6.20 20.15 -0.15
C8 NAG B . 6.71 20.95 -1.30
N2 NAG B . 4.88 19.90 -0.15
O3 NAG B . 3.67 21.10 2.19
O4 NAG B . 3.93 19.56 4.61
O5 NAG B . 4.00 17.00 1.99
O6 NAG B . 2.21 16.34 3.91
O7 NAG B . 6.94 19.76 0.75
C1 NAG B . 2.73 19.75 5.40
C2 NAG B . 3.17 19.91 6.87
C3 NAG B . 1.97 20.17 7.76
C4 NAG B . 1.16 21.36 7.24
C5 NAG B . 0.78 21.12 5.78
C6 NAG B . 0.06 22.29 5.17
C7 NAG B . 5.22 18.57 7.19
C8 NAG B . 5.78 17.28 7.70
N2 NAG B . 3.89 18.72 7.31
O3 NAG B . 2.41 20.42 9.09
O4 NAG B . 0.00 21.53 8.02
O5 NAG B . 1.98 20.91 5.01
O6 NAG B . 0.84 22.93 4.17
O7 NAG B . 5.92 19.45 6.70
C1 PEG C . 0.63 -17.02 -1.29
O1 PEG C . 1.76 -17.03 -0.44
C2 PEG C . -0.52 -16.28 -0.68
O2 PEG C . -1.45 -17.20 -0.15
C3 PEG C . -2.61 -17.34 -0.97
C4 PEG C . -3.22 -18.69 -0.71
O4 PEG C . -3.08 -19.06 0.65
MG MG D . -2.88 -13.92 -2.76
MG MG E . -7.85 17.13 -6.87
#